data_7QB6
#
_entry.id   7QB6
#
_cell.length_a   102.803
_cell.length_b   102.803
_cell.length_c   223.386
_cell.angle_alpha   90.000
_cell.angle_beta   90.000
_cell.angle_gamma   90.000
#
_symmetry.space_group_name_H-M   'I 41 2 2'
#
loop_
_entity.id
_entity.type
_entity.pdbx_description
1 polymer Nodulin-13
2 non-polymer '3-benzoylbenzoic acid'
3 non-polymer 'MALONATE ION'
4 water water
#
_entity_poly.entity_id   1
_entity_poly.type   'polypeptide(L)'
_entity_poly.pdbx_seq_one_letter_code
;GIDPFTMGVITSESEYVSSLSAEKLYRGIVEDGNIIYPKALPRFIEKAETLEGDGGPGTIKKLTFVGDFGSTKQHIDMVD
RENCAYTYSVYEGIALSDQPLEKIVFEFKLVPTPEEGCIVKSTTKYYTKGDDIELSKDYLEAGIERFEGFTKAVESFLLA
NPDYNKDSN
;
_entity_poly.pdbx_strand_id   A,B
#
# COMPACT_ATOMS: atom_id res chain seq x y z
N ILE A 2 -14.98 15.34 4.52
CA ILE A 2 -15.73 14.78 5.65
C ILE A 2 -15.96 13.27 5.41
N ASP A 3 -15.47 12.46 6.36
CA ASP A 3 -15.65 11.00 6.48
C ASP A 3 -14.99 10.18 5.37
N PRO A 4 -13.67 10.24 5.20
CA PRO A 4 -13.05 9.52 4.09
C PRO A 4 -12.68 8.10 4.47
N PHE A 5 -12.52 7.28 3.44
CA PHE A 5 -12.12 5.89 3.61
C PHE A 5 -10.60 5.83 3.64
N THR A 6 -10.03 5.35 4.75
CA THR A 6 -8.59 5.32 4.96
C THR A 6 -8.16 3.89 5.24
N MET A 7 -7.00 3.53 4.71
CA MET A 7 -6.49 2.18 4.81
C MET A 7 -4.98 2.22 4.64
N GLY A 8 -4.27 1.50 5.47
CA GLY A 8 -2.81 1.44 5.41
C GLY A 8 -2.31 0.04 5.11
N VAL A 9 -1.23 -0.03 4.35
CA VAL A 9 -0.55 -1.27 4.02
C VAL A 9 0.89 -1.11 4.45
N ILE A 10 1.32 -1.94 5.38
CA ILE A 10 2.70 -1.96 5.87
C ILE A 10 3.36 -3.20 5.29
N THR A 11 4.48 -3.02 4.59
CA THR A 11 5.16 -4.12 3.91
C THR A 11 6.54 -4.34 4.52
N SER A 12 6.84 -5.59 4.86
CA SER A 12 8.17 -6.01 5.32
C SER A 12 8.73 -7.08 4.39
N GLU A 13 10.02 -6.95 4.05
CA GLU A 13 10.69 -7.86 3.12
C GLU A 13 12.00 -8.36 3.70
N SER A 14 12.29 -9.62 3.41
CA SER A 14 13.53 -10.25 3.82
C SER A 14 13.96 -11.26 2.78
N GLU A 15 15.28 -11.43 2.65
CA GLU A 15 15.87 -12.39 1.72
C GLU A 15 16.94 -13.16 2.45
N TYR A 16 17.09 -14.43 2.09
CA TYR A 16 18.31 -15.12 2.47
C TYR A 16 18.59 -16.16 1.40
N VAL A 17 19.80 -16.71 1.41
CA VAL A 17 20.20 -17.65 0.39
C VAL A 17 20.13 -19.04 1.00
N SER A 18 19.33 -19.89 0.37
CA SER A 18 19.11 -21.26 0.80
C SER A 18 20.13 -22.18 0.15
N SER A 19 20.49 -23.25 0.86
CA SER A 19 21.32 -24.29 0.26
C SER A 19 20.49 -25.29 -0.54
N LEU A 20 19.21 -25.41 -0.23
CA LEU A 20 18.33 -26.27 -1.00
C LEU A 20 18.02 -25.64 -2.35
N SER A 21 17.83 -26.50 -3.36
CA SER A 21 17.37 -26.04 -4.67
C SER A 21 15.93 -25.54 -4.59
N ALA A 22 15.58 -24.61 -5.48
CA ALA A 22 14.25 -24.00 -5.45
C ALA A 22 13.16 -25.05 -5.60
N GLU A 23 13.37 -26.04 -6.45
CA GLU A 23 12.36 -27.06 -6.70
C GLU A 23 12.06 -27.83 -5.42
N LYS A 24 13.11 -28.26 -4.71
CA LYS A 24 12.90 -29.07 -3.50
C LYS A 24 12.30 -28.23 -2.38
N LEU A 25 12.76 -26.99 -2.20
CA LEU A 25 12.20 -26.18 -1.14
C LEU A 25 10.75 -25.83 -1.46
N TYR A 26 10.45 -25.47 -2.70
CA TYR A 26 9.07 -25.14 -3.06
C TYR A 26 8.16 -26.33 -2.83
N ARG A 27 8.56 -27.51 -3.29
CA ARG A 27 7.74 -28.70 -3.11
C ARG A 27 7.50 -28.98 -1.63
N GLY A 28 8.52 -28.80 -0.81
CA GLY A 28 8.36 -29.09 0.61
C GLY A 28 7.43 -28.12 1.31
N ILE A 29 7.55 -26.83 0.98
CA ILE A 29 6.76 -25.78 1.61
C ILE A 29 5.32 -25.79 1.08
N VAL A 30 5.14 -25.82 -0.23
CA VAL A 30 3.82 -25.59 -0.77
C VAL A 30 3.05 -26.90 -0.93
N GLU A 31 3.61 -27.82 -1.71
CA GLU A 31 2.88 -29.03 -2.07
C GLU A 31 2.79 -30.03 -0.92
N ASP A 32 3.84 -30.16 -0.11
CA ASP A 32 3.93 -31.21 0.90
C ASP A 32 3.78 -30.70 2.32
N GLY A 33 3.23 -29.50 2.51
CA GLY A 33 3.20 -28.92 3.85
C GLY A 33 2.41 -29.72 4.87
N ASN A 34 1.32 -30.34 4.45
CA ASN A 34 0.52 -31.10 5.41
C ASN A 34 1.33 -32.22 6.05
N ILE A 35 2.29 -32.77 5.33
CA ILE A 35 3.16 -33.79 5.91
C ILE A 35 4.39 -33.16 6.55
N ILE A 36 4.92 -32.10 5.95
CA ILE A 36 6.22 -31.61 6.37
C ILE A 36 6.11 -30.76 7.64
N TYR A 37 5.09 -29.90 7.72
CA TYR A 37 5.04 -28.90 8.78
C TYR A 37 5.17 -29.50 10.17
N PRO A 38 4.42 -30.53 10.56
CA PRO A 38 4.60 -31.10 11.91
C PRO A 38 5.95 -31.73 12.13
N LYS A 39 6.56 -32.30 11.10
CA LYS A 39 7.88 -32.90 11.28
C LYS A 39 8.99 -31.85 11.30
N ALA A 40 8.81 -30.72 10.61
CA ALA A 40 9.85 -29.70 10.54
C ALA A 40 9.75 -28.68 11.68
N LEU A 41 8.56 -28.41 12.19
CA LEU A 41 8.41 -27.53 13.36
C LEU A 41 7.68 -28.25 14.48
N PRO A 42 8.27 -29.33 15.01
CA PRO A 42 7.53 -30.18 15.95
C PRO A 42 7.19 -29.51 17.27
N ARG A 43 7.90 -28.47 17.69
CA ARG A 43 7.48 -27.77 18.90
C ARG A 43 6.44 -26.68 18.65
N PHE A 44 6.04 -26.48 17.39
CA PHE A 44 5.13 -25.41 17.03
C PHE A 44 3.89 -25.93 16.31
N ILE A 45 4.07 -26.66 15.21
CA ILE A 45 2.93 -27.16 14.42
C ILE A 45 2.59 -28.57 14.89
N GLU A 46 1.37 -28.74 15.40
CA GLU A 46 0.87 -30.06 15.76
C GLU A 46 0.21 -30.78 14.60
N LYS A 47 -0.37 -30.05 13.66
CA LYS A 47 -1.19 -30.67 12.64
C LYS A 47 -1.44 -29.65 11.55
N ALA A 48 -1.35 -30.09 10.30
CA ALA A 48 -1.60 -29.26 9.12
C ALA A 48 -2.55 -30.02 8.22
N GLU A 49 -3.66 -29.40 7.83
CA GLU A 49 -4.66 -30.09 7.04
C GLU A 49 -5.24 -29.12 6.02
N THR A 50 -5.94 -29.69 5.04
CA THR A 50 -6.65 -28.92 4.03
C THR A 50 -8.14 -28.98 4.31
N LEU A 51 -8.76 -27.82 4.46
CA LEU A 51 -10.19 -27.75 4.72
C LEU A 51 -10.98 -27.74 3.43
N GLU A 52 -10.50 -27.01 2.44
CA GLU A 52 -11.26 -26.81 1.23
C GLU A 52 -10.26 -26.58 0.09
N GLY A 53 -10.52 -27.21 -1.05
CA GLY A 53 -9.68 -27.05 -2.22
C GLY A 53 -8.79 -28.27 -2.42
N ASP A 54 -8.05 -28.21 -3.54
CA ASP A 54 -7.12 -29.27 -3.94
C ASP A 54 -5.67 -28.86 -3.80
N GLY A 55 -5.40 -27.68 -3.26
CA GLY A 55 -4.06 -27.17 -3.19
C GLY A 55 -3.82 -25.95 -4.05
N GLY A 56 -4.64 -25.74 -5.07
CA GLY A 56 -4.53 -24.58 -5.93
C GLY A 56 -5.06 -23.31 -5.30
N PRO A 57 -5.11 -22.23 -6.07
CA PRO A 57 -5.69 -20.98 -5.58
C PRO A 57 -7.11 -21.19 -5.07
N GLY A 58 -7.39 -20.62 -3.89
CA GLY A 58 -8.68 -20.78 -3.26
C GLY A 58 -8.71 -21.82 -2.17
N THR A 59 -7.61 -22.52 -1.95
CA THR A 59 -7.56 -23.55 -0.94
C THR A 59 -7.47 -22.94 0.45
N ILE A 60 -8.09 -23.61 1.41
CA ILE A 60 -8.06 -23.22 2.81
C ILE A 60 -7.32 -24.30 3.57
N LYS A 61 -6.16 -23.95 4.12
CA LYS A 61 -5.42 -24.83 5.02
C LYS A 61 -5.63 -24.41 6.47
N LYS A 62 -5.49 -25.37 7.38
CA LYS A 62 -5.63 -25.13 8.80
C LYS A 62 -4.44 -25.73 9.52
N LEU A 63 -3.67 -24.89 10.19
CA LEU A 63 -2.58 -25.32 11.06
C LEU A 63 -3.06 -25.31 12.50
N THR A 64 -2.88 -26.43 13.18
CA THR A 64 -3.16 -26.52 14.60
C THR A 64 -1.85 -26.50 15.37
N PHE A 65 -1.76 -25.63 16.36
CA PHE A 65 -0.51 -25.34 17.05
C PHE A 65 -0.37 -26.19 18.30
N VAL A 66 0.89 -26.39 18.69
CA VAL A 66 1.18 -27.12 19.91
C VAL A 66 0.72 -26.28 21.10
N GLY A 67 0.03 -26.93 22.03
CA GLY A 67 -0.49 -26.29 23.21
C GLY A 67 -1.79 -25.55 22.98
N ASP A 68 -1.89 -24.35 23.54
CA ASP A 68 -3.15 -23.63 23.70
C ASP A 68 -3.17 -22.37 22.87
N PHE A 69 -2.74 -22.46 21.62
CA PHE A 69 -2.69 -21.31 20.75
C PHE A 69 -3.72 -21.38 19.64
N GLY A 70 -4.68 -22.28 19.73
CA GLY A 70 -5.73 -22.31 18.72
C GLY A 70 -5.16 -22.78 17.38
N SER A 71 -5.63 -22.14 16.31
CA SER A 71 -5.24 -22.55 14.99
C SER A 71 -5.24 -21.32 14.08
N THR A 72 -4.74 -21.53 12.88
CA THR A 72 -4.67 -20.47 11.88
C THR A 72 -5.17 -21.06 10.57
N LYS A 73 -6.00 -20.28 9.88
CA LYS A 73 -6.49 -20.65 8.56
C LYS A 73 -5.76 -19.78 7.54
N GLN A 74 -5.18 -20.43 6.54
CA GLN A 74 -4.49 -19.76 5.45
C GLN A 74 -5.34 -19.89 4.20
N HIS A 75 -5.55 -18.79 3.51
CA HIS A 75 -6.34 -18.77 2.29
C HIS A 75 -5.39 -18.61 1.11
N ILE A 76 -5.19 -19.70 0.37
CA ILE A 76 -4.18 -19.68 -0.68
C ILE A 76 -4.65 -18.77 -1.82
N ASP A 77 -3.79 -17.86 -2.24
CA ASP A 77 -4.09 -16.96 -3.34
C ASP A 77 -3.38 -17.38 -4.63
N MET A 78 -2.06 -17.35 -4.66
CA MET A 78 -1.31 -17.69 -5.85
C MET A 78 -0.49 -18.95 -5.61
N VAL A 79 -0.51 -19.86 -6.58
CA VAL A 79 0.32 -21.05 -6.57
C VAL A 79 0.92 -21.16 -7.96
N ASP A 80 2.23 -21.17 -8.03
CA ASP A 80 2.93 -21.08 -9.32
C ASP A 80 4.22 -21.88 -9.16
N ARG A 81 4.13 -23.19 -9.44
CA ARG A 81 5.31 -24.05 -9.30
C ARG A 81 6.41 -23.64 -10.25
N GLU A 82 6.06 -23.19 -11.46
CA GLU A 82 7.10 -22.87 -12.45
C GLU A 82 7.96 -21.69 -12.01
N ASN A 83 7.39 -20.72 -11.31
CA ASN A 83 8.17 -19.59 -10.82
C ASN A 83 8.36 -19.62 -9.32
N CYS A 84 8.06 -20.75 -8.67
CA CYS A 84 8.24 -20.95 -7.23
C CYS A 84 7.71 -19.76 -6.45
N ALA A 85 6.44 -19.43 -6.70
CA ALA A 85 5.77 -18.31 -6.05
C ALA A 85 4.52 -18.79 -5.34
N TYR A 86 4.32 -18.33 -4.10
CA TYR A 86 3.24 -18.78 -3.23
C TYR A 86 2.76 -17.61 -2.39
N THR A 87 1.43 -17.49 -2.24
CA THR A 87 0.80 -16.36 -1.59
C THR A 87 -0.45 -16.81 -0.85
N TYR A 88 -0.60 -16.35 0.38
CA TYR A 88 -1.83 -16.62 1.10
C TYR A 88 -2.11 -15.49 2.09
N SER A 89 -3.33 -15.47 2.57
CA SER A 89 -3.81 -14.44 3.47
C SER A 89 -4.22 -15.09 4.77
N VAL A 90 -4.09 -14.35 5.86
CA VAL A 90 -4.61 -14.76 7.16
C VAL A 90 -5.50 -13.64 7.70
N TYR A 91 -6.67 -13.99 8.21
CA TYR A 91 -7.62 -13.00 8.68
C TYR A 91 -7.80 -12.97 10.18
N GLU A 92 -7.49 -14.07 10.88
CA GLU A 92 -7.63 -14.11 12.33
C GLU A 92 -6.79 -15.25 12.85
N GLY A 93 -6.32 -15.11 14.08
CA GLY A 93 -5.57 -16.17 14.72
C GLY A 93 -4.37 -15.62 15.47
N ILE A 94 -3.54 -16.53 15.97
CA ILE A 94 -2.35 -16.12 16.72
C ILE A 94 -1.33 -15.41 15.85
N ALA A 95 -1.43 -15.51 14.52
CA ALA A 95 -0.56 -14.69 13.69
C ALA A 95 -0.87 -13.21 13.88
N LEU A 96 -2.14 -12.86 14.15
CA LEU A 96 -2.52 -11.46 14.27
C LEU A 96 -2.21 -10.88 15.66
N SER A 97 -2.48 -11.64 16.72
CA SER A 97 -2.06 -11.31 18.10
C SER A 97 -2.48 -9.90 18.53
N ASP A 98 -3.79 -9.69 18.56
CA ASP A 98 -4.45 -8.45 19.00
C ASP A 98 -3.79 -7.21 18.40
N GLN A 99 -3.39 -7.30 17.18
CA GLN A 99 -3.05 -6.03 16.58
C GLN A 99 -4.24 -5.56 15.76
N PRO A 100 -4.43 -4.25 15.57
CA PRO A 100 -5.61 -3.79 14.82
C PRO A 100 -5.46 -4.08 13.33
N LEU A 101 -5.79 -5.30 12.91
CA LEU A 101 -5.51 -5.75 11.55
C LEU A 101 -6.75 -6.26 10.85
N GLU A 102 -6.85 -5.94 9.56
CA GLU A 102 -7.86 -6.52 8.69
C GLU A 102 -7.40 -7.87 8.15
N LYS A 103 -6.14 -7.95 7.69
CA LYS A 103 -5.56 -9.19 7.20
C LYS A 103 -4.05 -9.04 7.12
N ILE A 104 -3.36 -10.17 6.98
CA ILE A 104 -1.94 -10.22 6.64
C ILE A 104 -1.79 -11.06 5.38
N VAL A 105 -1.08 -10.53 4.39
CA VAL A 105 -0.75 -11.29 3.18
C VAL A 105 0.70 -11.73 3.29
N PHE A 106 0.96 -13.00 3.04
CA PHE A 106 2.30 -13.59 3.04
C PHE A 106 2.66 -14.01 1.63
N GLU A 107 3.82 -13.58 1.16
CA GLU A 107 4.33 -13.94 -0.16
C GLU A 107 5.67 -14.65 -0.01
N PHE A 108 5.87 -15.70 -0.80
CA PHE A 108 7.03 -16.56 -0.68
C PHE A 108 7.49 -16.76 -2.11
N LYS A 109 8.73 -16.40 -2.39
CA LYS A 109 9.20 -16.43 -3.77
C LYS A 109 10.66 -16.89 -3.81
N LEU A 110 10.97 -17.85 -4.67
CA LEU A 110 12.30 -18.43 -4.78
C LEU A 110 12.93 -18.09 -6.13
N VAL A 111 14.18 -17.64 -6.10
CA VAL A 111 14.92 -17.25 -7.29
C VAL A 111 16.12 -18.17 -7.43
N PRO A 112 16.24 -18.94 -8.50
CA PRO A 112 17.40 -19.83 -8.65
C PRO A 112 18.70 -19.03 -8.73
N THR A 113 19.72 -19.55 -8.06
CA THR A 113 21.05 -19.01 -8.12
C THR A 113 21.99 -20.00 -8.79
N PRO A 114 23.02 -19.51 -9.50
CA PRO A 114 23.96 -20.41 -10.20
C PRO A 114 24.58 -21.48 -9.33
N GLU A 115 24.81 -21.22 -8.04
CA GLU A 115 25.33 -22.24 -7.13
C GLU A 115 24.26 -23.29 -6.80
N GLU A 116 23.19 -23.30 -7.58
CA GLU A 116 22.09 -24.26 -7.53
C GLU A 116 21.43 -24.32 -6.16
N GLY A 117 21.71 -23.34 -5.31
CA GLY A 117 20.86 -23.01 -4.18
C GLY A 117 19.76 -22.12 -4.71
N CYS A 118 19.23 -21.26 -3.85
CA CYS A 118 18.27 -20.28 -4.34
C CYS A 118 18.14 -19.13 -3.35
N ILE A 119 17.67 -18.01 -3.86
CA ILE A 119 17.34 -16.86 -3.03
C ILE A 119 15.91 -17.04 -2.51
N VAL A 120 15.74 -16.91 -1.21
CA VAL A 120 14.43 -17.03 -0.59
C VAL A 120 13.92 -15.63 -0.31
N LYS A 121 12.81 -15.27 -0.93
CA LYS A 121 12.27 -13.91 -0.86
C LYS A 121 10.95 -13.96 -0.10
N SER A 122 10.95 -13.39 1.11
CA SER A 122 9.79 -13.37 1.99
C SER A 122 9.20 -11.97 2.11
N THR A 123 7.88 -11.89 2.03
CA THR A 123 7.21 -10.61 2.17
C THR A 123 5.97 -10.81 3.02
N THR A 124 5.79 -9.92 4.00
CA THR A 124 4.55 -9.81 4.77
C THR A 124 3.94 -8.45 4.54
N LYS A 125 2.63 -8.43 4.33
CA LYS A 125 1.88 -7.20 4.13
C LYS A 125 0.78 -7.09 5.18
N TYR A 126 0.80 -6.02 5.95
CA TYR A 126 -0.17 -5.82 7.01
C TYR A 126 -1.21 -4.81 6.55
N TYR A 127 -2.47 -5.21 6.59
CA TYR A 127 -3.60 -4.36 6.21
C TYR A 127 -4.33 -3.93 7.47
N THR A 128 -4.38 -2.61 7.69
CA THR A 128 -4.95 -2.01 8.89
C THR A 128 -6.00 -0.99 8.48
N LYS A 129 -7.05 -0.88 9.31
CA LYS A 129 -8.07 0.13 9.06
C LYS A 129 -7.53 1.53 9.36
N GLY A 130 -8.32 2.53 9.00
CA GLY A 130 -7.92 3.92 9.02
C GLY A 130 -8.27 4.69 10.28
N ASP A 131 -8.65 3.99 11.34
CA ASP A 131 -8.94 4.59 12.64
C ASP A 131 -7.72 4.68 13.53
N ASP A 132 -6.78 3.76 13.37
CA ASP A 132 -5.64 3.68 14.27
C ASP A 132 -4.34 3.95 13.52
N ILE A 133 -3.90 2.96 12.74
CA ILE A 133 -2.68 3.04 11.97
C ILE A 133 -1.53 3.26 12.94
N GLU A 134 -1.32 2.28 13.83
CA GLU A 134 -0.21 2.31 14.78
C GLU A 134 0.25 0.86 14.96
N LEU A 135 1.33 0.50 14.27
CA LEU A 135 1.87 -0.84 14.34
C LEU A 135 3.30 -0.79 14.83
N SER A 136 3.62 -1.60 15.82
CA SER A 136 4.95 -1.58 16.39
C SER A 136 5.96 -2.12 15.40
N LYS A 137 7.08 -1.42 15.23
CA LYS A 137 8.16 -1.93 14.40
C LYS A 137 8.75 -3.21 14.98
N ASP A 138 8.73 -3.36 16.31
CA ASP A 138 9.09 -4.62 16.91
C ASP A 138 8.15 -5.72 16.46
N TYR A 139 6.84 -5.47 16.51
CA TYR A 139 5.89 -6.49 16.10
C TYR A 139 6.12 -6.86 14.64
N LEU A 140 6.33 -5.86 13.77
CA LEU A 140 6.45 -6.10 12.34
C LEU A 140 7.67 -6.92 12.00
N GLU A 141 8.78 -6.64 12.65
CA GLU A 141 9.99 -7.35 12.29
C GLU A 141 10.04 -8.72 12.94
N ALA A 142 9.33 -8.92 14.05
CA ALA A 142 9.18 -10.26 14.56
C ALA A 142 8.37 -11.13 13.58
N GLY A 143 7.39 -10.53 12.92
CA GLY A 143 6.56 -11.31 12.03
C GLY A 143 7.31 -11.79 10.81
N ILE A 144 8.10 -10.91 10.18
CA ILE A 144 8.86 -11.35 9.03
C ILE A 144 9.95 -12.32 9.48
N GLU A 145 10.53 -12.10 10.67
CA GLU A 145 11.55 -13.02 11.17
C GLU A 145 10.96 -14.39 11.45
N ARG A 146 9.76 -14.45 12.02
CA ARG A 146 9.14 -15.76 12.24
C ARG A 146 8.79 -16.44 10.94
N PHE A 147 8.41 -15.67 9.93
CA PHE A 147 7.99 -16.21 8.64
C PHE A 147 9.19 -16.74 7.85
N GLU A 148 10.25 -15.94 7.77
CA GLU A 148 11.47 -16.40 7.15
C GLU A 148 12.06 -17.57 7.93
N GLY A 149 11.95 -17.52 9.27
CA GLY A 149 12.49 -18.59 10.10
C GLY A 149 11.78 -19.91 9.89
N PHE A 150 10.47 -19.88 9.64
CA PHE A 150 9.74 -21.07 9.29
C PHE A 150 10.33 -21.75 8.05
N THR A 151 10.59 -20.96 7.00
CA THR A 151 11.18 -21.51 5.79
C THR A 151 12.53 -22.18 6.08
N LYS A 152 13.38 -21.52 6.88
CA LYS A 152 14.69 -22.10 7.19
C LYS A 152 14.55 -23.45 7.87
N ALA A 153 13.62 -23.57 8.81
CA ALA A 153 13.42 -24.81 9.52
C ALA A 153 12.95 -25.92 8.60
N VAL A 154 12.08 -25.61 7.64
CA VAL A 154 11.69 -26.58 6.64
C VAL A 154 12.88 -26.95 5.78
N GLU A 155 13.73 -25.97 5.47
CA GLU A 155 14.94 -26.24 4.69
C GLU A 155 15.86 -27.21 5.43
N SER A 156 16.09 -26.98 6.72
CA SER A 156 16.90 -27.94 7.47
C SER A 156 16.28 -29.32 7.43
N PHE A 157 14.96 -29.40 7.64
CA PHE A 157 14.33 -30.70 7.69
C PHE A 157 14.47 -31.43 6.37
N LEU A 158 14.25 -30.71 5.26
CA LEU A 158 14.34 -31.32 3.93
C LEU A 158 15.77 -31.79 3.63
N LEU A 159 16.77 -30.95 3.91
CA LEU A 159 18.15 -31.36 3.73
C LEU A 159 18.44 -32.62 4.54
N ALA A 160 17.89 -32.71 5.74
CA ALA A 160 18.15 -33.86 6.59
C ALA A 160 17.35 -35.09 6.20
N ASN A 161 16.24 -34.93 5.46
CA ASN A 161 15.38 -36.05 5.09
C ASN A 161 15.03 -35.97 3.60
N PRO A 162 16.01 -36.22 2.72
CA PRO A 162 15.75 -36.07 1.28
C PRO A 162 14.71 -37.06 0.76
N ASP A 163 14.60 -38.23 1.40
CA ASP A 163 13.76 -39.31 0.88
C ASP A 163 12.46 -39.42 1.66
N TYR A 164 11.92 -38.31 2.09
CA TYR A 164 10.66 -38.34 2.82
C TYR A 164 9.48 -38.67 1.93
N ASN A 165 9.73 -39.14 0.70
CA ASN A 165 8.71 -39.41 -0.32
C ASN A 165 7.98 -38.15 -0.78
N ILE B 2 16.17 -11.32 9.76
CA ILE B 2 16.94 -10.35 10.53
C ILE B 2 17.33 -9.14 9.67
N ASP B 3 16.97 -7.93 10.15
CA ASP B 3 17.28 -6.63 9.58
C ASP B 3 16.50 -6.40 8.28
N PRO B 4 15.18 -6.39 8.34
CA PRO B 4 14.35 -6.30 7.12
C PRO B 4 14.00 -4.88 6.71
N PHE B 5 13.55 -4.77 5.46
CA PHE B 5 13.08 -3.53 4.86
C PHE B 5 11.57 -3.35 5.08
N THR B 6 11.17 -2.25 5.70
CA THR B 6 9.77 -1.96 6.00
C THR B 6 9.37 -0.59 5.49
N MET B 7 8.14 -0.48 4.99
CA MET B 7 7.60 0.75 4.40
C MET B 7 6.08 0.69 4.50
N GLY B 8 5.46 1.82 4.80
CA GLY B 8 4.01 1.89 4.88
C GLY B 8 3.45 2.84 3.84
N VAL B 9 2.27 2.48 3.34
CA VAL B 9 1.50 3.37 2.46
C VAL B 9 0.11 3.49 3.05
N ILE B 10 -0.29 4.71 3.42
CA ILE B 10 -1.64 5.00 3.91
C ILE B 10 -2.40 5.75 2.84
N THR B 11 -3.56 5.23 2.47
CA THR B 11 -4.37 5.75 1.38
C THR B 11 -5.69 6.27 1.94
N SER B 12 -6.05 7.49 1.57
CA SER B 12 -7.31 8.12 1.97
C SER B 12 -8.12 8.50 0.75
N GLU B 13 -9.43 8.24 0.79
CA GLU B 13 -10.26 8.41 -0.39
C GLU B 13 -11.51 9.19 -0.02
N SER B 14 -11.88 10.11 -0.91
CA SER B 14 -13.07 10.88 -0.67
C SER B 14 -13.68 11.25 -2.02
N GLU B 15 -15.00 11.28 -2.05
CA GLU B 15 -15.75 11.61 -3.26
C GLU B 15 -16.87 12.58 -2.94
N TYR B 16 -17.19 13.43 -3.92
CA TYR B 16 -18.41 14.21 -3.90
C TYR B 16 -18.86 14.46 -5.32
N VAL B 17 -20.11 14.90 -5.44
CA VAL B 17 -20.78 15.10 -6.73
C VAL B 17 -20.82 16.57 -7.06
N SER B 18 -20.20 16.96 -8.17
CA SER B 18 -20.25 18.34 -8.64
C SER B 18 -21.28 18.47 -9.77
N SER B 19 -21.86 19.67 -9.88
CA SER B 19 -22.72 19.99 -11.01
C SER B 19 -21.92 20.43 -12.23
N LEU B 20 -20.67 20.84 -12.02
CA LEU B 20 -19.79 21.25 -13.10
C LEU B 20 -19.36 20.03 -13.93
N SER B 21 -19.16 20.25 -15.24
CA SER B 21 -18.74 19.14 -16.10
C SER B 21 -17.31 18.74 -15.80
N ALA B 22 -17.01 17.47 -16.04
CA ALA B 22 -15.67 16.98 -15.73
C ALA B 22 -14.61 17.75 -16.51
N GLU B 23 -14.89 18.04 -17.78
CA GLU B 23 -13.91 18.73 -18.62
C GLU B 23 -13.62 20.13 -18.10
N LYS B 24 -14.65 20.88 -17.69
CA LYS B 24 -14.44 22.24 -17.23
C LYS B 24 -13.66 22.27 -15.93
N LEU B 25 -13.97 21.36 -15.01
CA LEU B 25 -13.25 21.32 -13.74
C LEU B 25 -11.81 20.88 -13.95
N TYR B 26 -11.60 19.85 -14.78
CA TYR B 26 -10.24 19.43 -15.09
C TYR B 26 -9.46 20.57 -15.71
N ARG B 27 -10.07 21.27 -16.66
CA ARG B 27 -9.37 22.37 -17.33
C ARG B 27 -8.98 23.45 -16.33
N GLY B 28 -9.86 23.77 -15.38
CA GLY B 28 -9.56 24.84 -14.43
C GLY B 28 -8.44 24.46 -13.48
N ILE B 29 -8.43 23.21 -13.02
CA ILE B 29 -7.44 22.76 -12.05
C ILE B 29 -6.08 22.57 -12.71
N VAL B 30 -6.06 21.87 -13.84
CA VAL B 30 -4.82 21.43 -14.44
C VAL B 30 -4.27 22.48 -15.38
N GLU B 31 -5.02 22.81 -16.43
CA GLU B 31 -4.47 23.69 -17.46
C GLU B 31 -4.41 25.14 -17.00
N ASP B 32 -5.46 25.63 -16.33
CA ASP B 32 -5.53 27.05 -15.99
C ASP B 32 -5.28 27.31 -14.51
N GLY B 33 -4.68 26.35 -13.80
CA GLY B 33 -4.48 26.54 -12.37
C GLY B 33 -3.62 27.74 -12.05
N ASN B 34 -2.65 28.02 -12.92
CA ASN B 34 -1.76 29.15 -12.68
C ASN B 34 -2.55 30.47 -12.60
N ILE B 35 -3.66 30.56 -13.32
CA ILE B 35 -4.51 31.75 -13.28
C ILE B 35 -5.60 31.62 -12.21
N ILE B 36 -6.12 30.41 -11.99
CA ILE B 36 -7.31 30.26 -11.16
C ILE B 36 -6.97 30.34 -9.68
N TYR B 37 -5.86 29.72 -9.27
CA TYR B 37 -5.58 29.51 -7.86
C TYR B 37 -5.58 30.78 -7.03
N PRO B 38 -4.92 31.87 -7.42
CA PRO B 38 -4.99 33.08 -6.60
C PRO B 38 -6.40 33.67 -6.52
N LYS B 39 -7.20 33.52 -7.59
CA LYS B 39 -8.57 34.00 -7.54
C LYS B 39 -9.50 33.03 -6.83
N ALA B 40 -9.22 31.72 -6.86
CA ALA B 40 -10.12 30.76 -6.24
C ALA B 40 -9.79 30.52 -4.78
N LEU B 41 -8.50 30.56 -4.43
CA LEU B 41 -8.02 30.40 -3.06
C LEU B 41 -7.23 31.63 -2.66
N PRO B 42 -7.87 32.80 -2.64
CA PRO B 42 -7.13 34.04 -2.40
C PRO B 42 -6.56 34.15 -1.00
N ARG B 43 -7.13 33.47 -0.01
CA ARG B 43 -6.55 33.55 1.33
C ARG B 43 -5.44 32.53 1.56
N PHE B 44 -5.10 31.74 0.55
CA PHE B 44 -4.04 30.74 0.67
C PHE B 44 -2.95 30.95 -0.37
N ILE B 45 -3.32 30.94 -1.65
CA ILE B 45 -2.33 30.94 -2.72
C ILE B 45 -2.06 32.37 -3.15
N GLU B 46 -0.81 32.77 -3.01
CA GLU B 46 -0.41 34.08 -3.51
C GLU B 46 -0.09 34.03 -4.99
N LYS B 47 0.40 32.89 -5.48
CA LYS B 47 0.95 32.79 -6.82
C LYS B 47 1.11 31.33 -7.19
N ALA B 48 0.77 30.99 -8.43
CA ALA B 48 0.93 29.64 -8.94
C ALA B 48 1.68 29.71 -10.26
N GLU B 49 2.79 28.97 -10.35
CA GLU B 49 3.60 28.98 -11.56
C GLU B 49 4.11 27.57 -11.82
N THR B 50 4.56 27.36 -13.04
CA THR B 50 5.20 26.11 -13.41
C THR B 50 6.67 26.39 -13.64
N LEU B 51 7.53 25.64 -12.95
CA LEU B 51 8.97 25.91 -12.99
C LEU B 51 9.64 25.26 -14.19
N GLU B 52 9.30 24.00 -14.48
CA GLU B 52 9.96 23.29 -15.55
C GLU B 52 8.98 22.31 -16.16
N GLY B 53 8.97 22.27 -17.49
CA GLY B 53 8.10 21.40 -18.25
C GLY B 53 6.97 22.16 -18.90
N ASP B 54 6.22 21.42 -19.71
CA ASP B 54 5.10 21.95 -20.48
C ASP B 54 3.75 21.57 -19.90
N GLY B 55 3.72 20.92 -18.74
CA GLY B 55 2.50 20.48 -18.11
C GLY B 55 2.30 18.97 -18.09
N GLY B 56 2.95 18.23 -18.97
CA GLY B 56 2.81 16.80 -19.00
C GLY B 56 3.51 16.13 -17.84
N PRO B 57 3.53 14.80 -17.85
CA PRO B 57 4.24 14.07 -16.80
C PRO B 57 5.69 14.51 -16.72
N GLY B 58 6.16 14.71 -15.48
CA GLY B 58 7.52 15.17 -15.24
C GLY B 58 7.63 16.66 -14.94
N THR B 59 6.52 17.40 -15.05
CA THR B 59 6.51 18.84 -14.84
C THR B 59 6.60 19.17 -13.35
N ILE B 60 7.22 20.30 -13.02
CA ILE B 60 7.29 20.79 -11.65
C ILE B 60 6.60 22.14 -11.58
N LYS B 61 5.47 22.20 -10.86
CA LYS B 61 4.79 23.45 -10.58
C LYS B 61 5.10 23.90 -9.16
N LYS B 62 4.96 25.21 -8.93
CA LYS B 62 5.22 25.76 -7.60
C LYS B 62 4.12 26.71 -7.17
N LEU B 63 3.50 26.40 -6.05
CA LEU B 63 2.56 27.29 -5.39
C LEU B 63 3.31 28.05 -4.32
N THR B 64 3.25 29.38 -4.38
CA THR B 64 3.81 30.25 -3.36
C THR B 64 2.65 30.78 -2.52
N PHE B 65 2.80 30.75 -1.21
CA PHE B 65 1.68 31.04 -0.31
C PHE B 65 1.59 32.50 0.08
N VAL B 66 0.37 32.90 0.45
CA VAL B 66 0.12 34.25 0.91
C VAL B 66 0.86 34.49 2.21
N GLY B 67 1.44 35.68 2.35
CA GLY B 67 2.11 36.01 3.58
C GLY B 67 3.43 35.30 3.68
N ASP B 68 3.68 34.71 4.84
CA ASP B 68 4.99 34.21 5.22
C ASP B 68 4.93 32.70 5.46
N PHE B 69 4.23 31.96 4.60
CA PHE B 69 4.06 30.52 4.77
C PHE B 69 4.86 29.71 3.76
N GLY B 70 5.82 30.34 3.09
CA GLY B 70 6.69 29.63 2.18
C GLY B 70 5.97 29.15 0.93
N SER B 71 6.39 27.99 0.44
CA SER B 71 5.87 27.49 -0.83
C SER B 71 5.96 25.97 -0.87
N THR B 72 5.35 25.40 -1.89
CA THR B 72 5.31 23.96 -2.07
C THR B 72 5.57 23.65 -3.54
N LYS B 73 6.33 22.59 -3.81
CA LYS B 73 6.62 22.18 -5.18
C LYS B 73 5.86 20.89 -5.50
N GLN B 74 5.16 20.91 -6.63
CA GLN B 74 4.42 19.74 -7.12
C GLN B 74 5.15 19.11 -8.29
N HIS B 75 5.37 17.80 -8.21
CA HIS B 75 6.05 17.03 -9.26
C HIS B 75 4.98 16.25 -10.01
N ILE B 76 4.65 16.71 -11.21
CA ILE B 76 3.53 16.11 -11.93
C ILE B 76 3.93 14.72 -12.37
N ASP B 77 3.08 13.75 -12.08
CA ASP B 77 3.38 12.37 -12.40
C ASP B 77 2.56 11.87 -13.59
N MET B 78 1.23 11.80 -13.48
CA MET B 78 0.38 11.37 -14.57
C MET B 78 -0.53 12.52 -14.99
N VAL B 79 -0.70 12.69 -16.29
CA VAL B 79 -1.62 13.68 -16.87
C VAL B 79 -2.47 12.96 -17.90
N ASP B 80 -3.79 13.11 -17.80
CA ASP B 80 -4.70 12.39 -18.70
C ASP B 80 -5.95 13.27 -18.90
N ARG B 81 -5.87 14.19 -19.86
CA ARG B 81 -7.01 15.06 -20.13
C ARG B 81 -8.22 14.25 -20.56
N GLU B 82 -7.99 13.14 -21.26
CA GLU B 82 -9.07 12.38 -21.85
C GLU B 82 -10.00 11.79 -20.80
N ASN B 83 -9.44 11.32 -19.68
CA ASN B 83 -10.22 10.72 -18.60
C ASN B 83 -10.19 11.59 -17.34
N CYS B 84 -9.79 12.85 -17.46
CA CYS B 84 -9.79 13.80 -16.35
C CYS B 84 -9.13 13.21 -15.12
N ALA B 85 -7.92 12.70 -15.31
CA ALA B 85 -7.11 12.10 -14.27
C ALA B 85 -5.81 12.88 -14.17
N TYR B 86 -5.37 13.15 -12.93
CA TYR B 86 -4.20 14.00 -12.69
C TYR B 86 -3.54 13.53 -11.39
N THR B 87 -2.21 13.49 -11.37
CA THR B 87 -1.50 12.92 -10.23
C THR B 87 -0.19 13.69 -10.03
N TYR B 88 0.13 14.01 -8.79
CA TYR B 88 1.43 14.63 -8.53
C TYR B 88 1.93 14.26 -7.15
N SER B 89 3.22 14.52 -6.95
CA SER B 89 3.89 14.17 -5.71
C SER B 89 4.49 15.41 -5.07
N VAL B 90 4.51 15.40 -3.74
CA VAL B 90 5.19 16.40 -2.92
C VAL B 90 6.13 15.67 -1.99
N TYR B 91 7.36 16.16 -1.92
CA TYR B 91 8.42 15.50 -1.16
C TYR B 91 8.82 16.25 0.09
N GLU B 92 8.51 17.54 0.15
CA GLU B 92 8.85 18.40 1.27
C GLU B 92 7.89 19.58 1.27
N GLY B 93 7.67 20.14 2.45
CA GLY B 93 6.89 21.37 2.54
C GLY B 93 5.93 21.38 3.70
N ILE B 94 5.14 22.46 3.79
CA ILE B 94 4.17 22.56 4.88
C ILE B 94 3.03 21.54 4.71
N ALA B 95 2.88 20.94 3.53
CA ALA B 95 1.92 19.84 3.38
C ALA B 95 2.33 18.65 4.24
N LEU B 96 3.64 18.50 4.49
CA LEU B 96 4.18 17.39 5.27
C LEU B 96 3.96 17.56 6.76
N SER B 97 4.03 18.80 7.26
CA SER B 97 3.64 19.18 8.62
C SER B 97 4.38 18.36 9.68
N ASP B 98 5.72 18.45 9.62
CA ASP B 98 6.65 17.87 10.59
C ASP B 98 6.26 16.46 11.05
N GLN B 99 5.68 15.61 10.10
CA GLN B 99 5.43 14.19 10.28
C GLN B 99 6.47 13.36 9.53
N PRO B 100 6.77 12.14 9.99
CA PRO B 100 7.80 11.33 9.31
C PRO B 100 7.36 10.77 7.95
N LEU B 101 7.51 11.57 6.90
CA LEU B 101 7.01 11.22 5.57
C LEU B 101 8.12 11.27 4.53
N GLU B 102 8.11 10.29 3.64
CA GLU B 102 8.99 10.29 2.48
C GLU B 102 8.40 11.12 1.34
N LYS B 103 7.12 10.92 1.07
CA LYS B 103 6.42 11.70 0.06
C LYS B 103 4.92 11.60 0.30
N ILE B 104 4.18 12.49 -0.36
CA ILE B 104 2.74 12.42 -0.46
C ILE B 104 2.39 12.42 -1.94
N VAL B 105 1.53 11.50 -2.36
CA VAL B 105 0.94 11.51 -3.70
C VAL B 105 -0.50 12.01 -3.60
N PHE B 106 -0.87 12.93 -4.49
CA PHE B 106 -2.22 13.44 -4.60
C PHE B 106 -2.81 12.98 -5.94
N GLU B 107 -3.95 12.27 -5.88
CA GLU B 107 -4.62 11.78 -7.08
C GLU B 107 -6.03 12.35 -7.15
N PHE B 108 -6.43 12.67 -8.36
CA PHE B 108 -7.66 13.35 -8.66
C PHE B 108 -8.23 12.80 -9.96
N LYS B 109 -9.48 12.34 -9.93
CA LYS B 109 -10.15 11.77 -11.08
C LYS B 109 -11.62 12.21 -11.10
N LEU B 110 -12.07 12.71 -12.26
CA LEU B 110 -13.42 13.21 -12.44
C LEU B 110 -14.20 12.29 -13.37
N VAL B 111 -15.37 11.85 -12.92
CA VAL B 111 -16.20 10.90 -13.66
C VAL B 111 -17.52 11.58 -14.05
N PRO B 112 -17.83 11.67 -15.34
CA PRO B 112 -19.07 12.34 -15.76
C PRO B 112 -20.32 11.67 -15.22
N THR B 113 -21.32 12.50 -14.90
CA THR B 113 -22.62 11.98 -14.52
C THR B 113 -23.64 12.30 -15.62
N PRO B 114 -24.65 11.45 -15.78
CA PRO B 114 -25.63 11.67 -16.86
C PRO B 114 -26.21 13.07 -16.92
N GLU B 115 -26.32 13.75 -15.80
CA GLU B 115 -26.78 15.13 -15.76
C GLU B 115 -25.70 16.10 -16.16
N GLU B 116 -24.63 15.62 -16.80
CA GLU B 116 -23.51 16.44 -17.22
C GLU B 116 -22.80 17.11 -16.06
N GLY B 117 -23.01 16.61 -14.85
CA GLY B 117 -22.10 16.90 -13.77
C GLY B 117 -20.92 15.96 -13.83
N CYS B 118 -20.29 15.78 -12.66
CA CYS B 118 -19.23 14.79 -12.58
C CYS B 118 -19.02 14.44 -11.13
N ILE B 119 -18.57 13.21 -10.90
CA ILE B 119 -18.15 12.76 -9.59
C ILE B 119 -16.67 13.11 -9.43
N VAL B 120 -16.33 13.74 -8.31
CA VAL B 120 -14.97 14.18 -8.02
C VAL B 120 -14.36 13.15 -7.08
N LYS B 121 -13.29 12.50 -7.51
CA LYS B 121 -12.66 11.46 -6.72
C LYS B 121 -11.26 11.90 -6.33
N SER B 122 -11.05 12.07 -5.04
CA SER B 122 -9.81 12.56 -4.47
C SER B 122 -9.12 11.41 -3.75
N THR B 123 -7.81 11.35 -3.85
CA THR B 123 -7.05 10.32 -3.18
C THR B 123 -5.75 10.92 -2.68
N THR B 124 -5.42 10.68 -1.42
CA THR B 124 -4.09 10.98 -0.93
C THR B 124 -3.39 9.71 -0.50
N LYS B 125 -2.09 9.60 -0.81
CA LYS B 125 -1.28 8.46 -0.38
C LYS B 125 -0.06 8.97 0.38
N TYR B 126 0.09 8.54 1.63
CA TYR B 126 1.21 8.96 2.48
C TYR B 126 2.22 7.82 2.56
N TYR B 127 3.49 8.10 2.27
CA TYR B 127 4.54 7.08 2.25
C TYR B 127 5.49 7.26 3.43
N THR B 128 5.63 6.23 4.26
CA THR B 128 6.41 6.30 5.49
C THR B 128 7.47 5.21 5.55
N LYS B 129 8.64 5.56 6.07
CA LYS B 129 9.70 4.57 6.27
C LYS B 129 9.32 3.63 7.41
N GLY B 130 10.16 2.62 7.64
CA GLY B 130 9.82 1.54 8.55
C GLY B 130 10.26 1.65 9.99
N ASP B 131 10.78 2.78 10.44
CA ASP B 131 11.04 2.90 11.88
C ASP B 131 9.86 3.53 12.61
N ASP B 132 9.25 4.54 11.99
CA ASP B 132 8.17 5.29 12.61
C ASP B 132 6.96 5.23 11.70
N ILE B 133 6.00 4.39 12.06
CA ILE B 133 4.71 4.30 11.38
C ILE B 133 3.69 4.83 12.38
N GLU B 134 3.71 6.14 12.58
CA GLU B 134 2.87 6.82 13.56
C GLU B 134 2.27 8.05 12.88
N LEU B 135 1.06 7.89 12.38
CA LEU B 135 0.35 8.98 11.73
C LEU B 135 -1.01 9.14 12.41
N SER B 136 -1.31 10.38 12.79
CA SER B 136 -2.55 10.68 13.48
C SER B 136 -3.75 10.55 12.54
N LYS B 137 -4.81 9.90 13.04
CA LYS B 137 -6.06 9.82 12.29
C LYS B 137 -6.63 11.20 12.02
N ASP B 138 -6.40 12.15 12.94
CA ASP B 138 -6.73 13.54 12.66
C ASP B 138 -5.87 14.09 11.53
N TYR B 139 -4.55 13.86 11.60
CA TYR B 139 -3.66 14.39 10.57
C TYR B 139 -4.00 13.83 9.19
N LEU B 140 -4.28 12.52 9.11
CA LEU B 140 -4.49 11.90 7.80
C LEU B 140 -5.71 12.47 7.10
N GLU B 141 -6.77 12.72 7.85
CA GLU B 141 -8.00 13.20 7.25
C GLU B 141 -8.00 14.71 7.05
N ALA B 142 -7.18 15.46 7.77
CA ALA B 142 -6.98 16.87 7.43
C ALA B 142 -6.35 17.01 6.05
N GLY B 143 -5.48 16.09 5.68
CA GLY B 143 -4.81 16.21 4.38
C GLY B 143 -5.75 16.01 3.22
N ILE B 144 -6.60 14.97 3.30
CA ILE B 144 -7.57 14.73 2.25
C ILE B 144 -8.62 15.84 2.25
N GLU B 145 -8.97 16.35 3.43
CA GLU B 145 -9.96 17.42 3.55
C GLU B 145 -9.44 18.73 2.92
N ARG B 146 -8.15 19.08 3.17
CA ARG B 146 -7.57 20.25 2.52
C ARG B 146 -7.55 20.07 1.00
N PHE B 147 -7.26 18.85 0.55
CA PHE B 147 -7.11 18.59 -0.88
C PHE B 147 -8.47 18.65 -1.57
N GLU B 148 -9.46 17.95 -1.02
CA GLU B 148 -10.80 17.98 -1.60
C GLU B 148 -11.39 19.38 -1.51
N GLY B 149 -11.08 20.10 -0.43
CA GLY B 149 -11.58 21.46 -0.31
C GLY B 149 -10.96 22.38 -1.34
N PHE B 150 -9.70 22.13 -1.66
CA PHE B 150 -9.06 22.85 -2.76
C PHE B 150 -9.87 22.69 -4.04
N THR B 151 -10.25 21.45 -4.36
CA THR B 151 -11.07 21.21 -5.54
C THR B 151 -12.40 21.95 -5.47
N LYS B 152 -13.08 21.87 -4.32
CA LYS B 152 -14.36 22.57 -4.16
C LYS B 152 -14.21 24.07 -4.40
N ALA B 153 -13.11 24.66 -3.94
CA ALA B 153 -12.90 26.09 -4.16
C ALA B 153 -12.73 26.42 -5.64
N VAL B 154 -12.00 25.59 -6.37
CA VAL B 154 -11.92 25.81 -7.81
C VAL B 154 -13.28 25.56 -8.46
N GLU B 155 -14.01 24.53 -8.00
CA GLU B 155 -15.37 24.33 -8.48
C GLU B 155 -16.23 25.56 -8.19
N SER B 156 -16.13 26.10 -6.98
CA SER B 156 -16.89 27.31 -6.67
C SER B 156 -16.52 28.43 -7.63
N PHE B 157 -15.22 28.59 -7.91
CA PHE B 157 -14.80 29.69 -8.75
C PHE B 157 -15.37 29.57 -10.16
N LEU B 158 -15.21 28.40 -10.77
CA LEU B 158 -15.72 28.20 -12.14
C LEU B 158 -17.23 28.37 -12.19
N LEU B 159 -17.96 27.82 -11.21
CA LEU B 159 -19.41 27.99 -11.22
C LEU B 159 -19.80 29.46 -11.26
N ALA B 160 -19.08 30.30 -10.51
CA ALA B 160 -19.40 31.72 -10.46
C ALA B 160 -18.83 32.50 -11.64
N ASN B 161 -17.83 31.98 -12.34
CA ASN B 161 -17.16 32.70 -13.43
C ASN B 161 -16.99 31.81 -14.64
N PRO B 162 -18.09 31.50 -15.35
CA PRO B 162 -17.98 30.56 -16.48
C PRO B 162 -17.08 31.06 -17.58
N ASP B 163 -16.98 32.38 -17.75
CA ASP B 163 -16.33 32.97 -18.92
C ASP B 163 -14.99 33.63 -18.57
N TYR B 164 -14.20 33.03 -17.67
CA TYR B 164 -12.94 33.68 -17.29
C TYR B 164 -11.86 33.69 -18.42
N ASN B 165 -12.20 33.36 -19.66
CA ASN B 165 -11.24 33.25 -20.76
C ASN B 165 -10.24 32.14 -20.47
#